data_3JVR
#
_entry.id   3JVR
#
_cell.length_a   44.763
_cell.length_b   65.362
_cell.length_c   57.916
_cell.angle_alpha   90.00
_cell.angle_beta   93.67
_cell.angle_gamma   90.00
#
_symmetry.space_group_name_H-M   'P 1 21 1'
#
loop_
_entity.id
_entity.type
_entity.pdbx_description
1 polymer 'Serine/threonine-protein kinase Chk1'
2 non-polymer '(1S)-1-(1H-benzimidazol-2-yl)ethyl (3,4-dichlorophenyl)carbamate'
3 water water
#
_entity_poly.entity_id   1
_entity_poly.type   'polypeptide(L)'
_entity_poly.pdbx_seq_one_letter_code
;AVPFVEDWDLVQTLGEGAYGEVQLAVNRVTEEAVAVKIVDMKRAVDCPENIKKEICINKMLNHENVVKFYGHRREGNIQY
LFLEYCSGGELFDRIEPDIGMPEPDAQRFFHQLMAGVVYLHGIGITHRDIKPENLLLDERDNLKISDFGLATVFRYNNRE
RLLNKMCGTLPYVAPELLKRREFHAEPVDVWSCGIVLTAMLAGELPWDQPSDSCQEYSDWKEKKTYLNPWKKIDSAPLAL
LHKILVENPSARITIPDIKKDRWYNKPLKKG
;
_entity_poly.pdbx_strand_id   A
#
loop_
_chem_comp.id
_chem_comp.type
_chem_comp.name
_chem_comp.formula
AGX non-polymer '(1S)-1-(1H-benzimidazol-2-yl)ethyl (3,4-dichlorophenyl)carbamate' 'C16 H13 Cl2 N3 O2'
#
# COMPACT_ATOMS: atom_id res chain seq x y z
N ALA A 1 26.54 4.98 -29.32
CA ALA A 1 25.49 5.54 -28.41
C ALA A 1 24.84 6.78 -29.01
N VAL A 2 23.53 6.91 -28.81
CA VAL A 2 22.77 8.02 -29.37
C VAL A 2 22.91 9.27 -28.50
N PRO A 3 23.27 10.40 -29.11
CA PRO A 3 23.37 11.68 -28.38
C PRO A 3 22.05 12.09 -27.75
N PHE A 4 22.13 12.74 -26.59
CA PHE A 4 20.97 13.34 -25.94
C PHE A 4 20.09 12.33 -25.22
N VAL A 5 20.37 11.05 -25.40
CA VAL A 5 19.49 10.00 -24.88
C VAL A 5 19.47 9.97 -23.35
N GLU A 6 20.43 10.66 -22.74
CA GLU A 6 20.51 10.70 -21.28
C GLU A 6 19.87 11.94 -20.68
N ASP A 7 19.27 12.78 -21.52
CA ASP A 7 18.62 13.99 -21.06
C ASP A 7 17.13 13.80 -20.80
N TRP A 8 16.68 14.21 -19.62
CA TRP A 8 15.27 14.17 -19.25
C TRP A 8 14.76 15.57 -18.95
N ASP A 9 13.63 15.95 -19.53
CA ASP A 9 12.98 17.21 -19.20
C ASP A 9 11.98 17.02 -18.07
N LEU A 10 11.97 17.95 -17.13
CA LEU A 10 10.98 17.94 -16.05
C LEU A 10 9.76 18.75 -16.49
N VAL A 11 8.65 18.05 -16.69
CA VAL A 11 7.50 18.62 -17.38
C VAL A 11 6.42 19.14 -16.43
N GLN A 12 6.32 18.54 -15.25
CA GLN A 12 5.35 18.97 -14.26
C GLN A 12 5.56 18.29 -12.90
N THR A 13 5.23 19.01 -11.84
CA THR A 13 5.35 18.47 -10.49
C THR A 13 4.21 17.49 -10.23
N LEU A 14 4.55 16.33 -9.68
CA LEU A 14 3.55 15.30 -9.42
C LEU A 14 3.08 15.34 -7.97
N GLY A 15 3.95 15.83 -7.08
CA GLY A 15 3.57 15.97 -5.69
C GLY A 15 4.72 16.39 -4.81
N GLU A 16 4.46 17.32 -3.89
CA GLU A 16 5.46 17.77 -2.94
C GLU A 16 5.23 17.10 -1.59
N GLU A 21 10.62 16.56 -3.71
CA GLU A 21 9.45 16.62 -4.64
C GLU A 21 9.53 15.52 -5.68
N VAL A 22 8.41 15.26 -6.36
CA VAL A 22 8.37 14.30 -7.45
C VAL A 22 8.00 15.00 -8.75
N GLN A 23 8.84 14.87 -9.76
CA GLN A 23 8.60 15.49 -11.06
C GLN A 23 8.35 14.44 -12.14
N LEU A 24 7.45 14.76 -13.07
CA LEU A 24 7.31 13.96 -14.28
C LEU A 24 8.45 14.31 -15.23
N ALA A 25 9.26 13.31 -15.56
CA ALA A 25 10.39 13.51 -16.46
C ALA A 25 10.16 12.80 -17.78
N VAL A 26 10.40 13.51 -18.88
CA VAL A 26 10.23 12.95 -20.21
C VAL A 26 11.55 12.96 -20.96
N ASN A 27 11.91 11.83 -21.56
CA ASN A 27 13.21 11.69 -22.21
C ASN A 27 13.26 12.53 -23.47
N ARG A 28 14.35 13.28 -23.61
CA ARG A 28 14.53 14.20 -24.72
C ARG A 28 14.41 13.50 -26.08
N VAL A 29 14.93 12.28 -26.15
CA VAL A 29 14.96 11.54 -27.41
C VAL A 29 13.77 10.60 -27.58
N THR A 30 13.56 9.73 -26.60
CA THR A 30 12.59 8.65 -26.74
C THR A 30 11.20 9.04 -26.25
N GLU A 31 11.14 10.13 -25.49
CA GLU A 31 9.89 10.60 -24.89
C GLU A 31 9.32 9.63 -23.87
N GLU A 32 10.12 8.65 -23.48
CA GLU A 32 9.73 7.77 -22.38
C GLU A 32 9.48 8.61 -21.14
N ALA A 33 8.44 8.26 -20.37
CA ALA A 33 8.12 9.00 -19.16
C ALA A 33 8.54 8.23 -17.93
N VAL A 34 9.17 8.93 -16.99
CA VAL A 34 9.50 8.36 -15.69
C VAL A 34 9.20 9.40 -14.62
N ALA A 35 9.03 8.93 -13.39
CA ALA A 35 8.89 9.83 -12.26
C ALA A 35 10.25 9.99 -11.59
N VAL A 36 10.62 11.24 -11.33
CA VAL A 36 11.89 11.51 -10.65
C VAL A 36 11.63 12.06 -9.27
N LYS A 37 12.11 11.33 -8.26
CA LYS A 37 11.97 11.77 -6.88
C LYS A 37 13.21 12.55 -6.49
N ILE A 38 13.03 13.84 -6.18
CA ILE A 38 14.15 14.71 -5.87
C ILE A 38 14.15 15.06 -4.39
N VAL A 39 15.14 14.55 -3.67
CA VAL A 39 15.23 14.77 -2.23
C VAL A 39 16.56 15.41 -1.84
N ASP A 40 16.48 16.51 -1.10
CA ASP A 40 17.68 17.21 -0.64
C ASP A 40 18.18 16.60 0.67
N MET A 41 19.22 15.78 0.58
CA MET A 41 19.77 15.13 1.76
C MET A 41 20.22 16.17 2.77
N GLU A 49 20.59 9.52 5.35
CA GLU A 49 20.73 8.05 5.55
C GLU A 49 19.40 7.33 5.37
N ASN A 50 18.31 8.02 5.70
CA ASN A 50 16.98 7.47 5.53
C ASN A 50 16.67 7.29 4.05
N ILE A 51 17.20 8.19 3.24
CA ILE A 51 17.04 8.10 1.80
C ILE A 51 17.96 7.00 1.25
N LYS A 52 19.08 6.78 1.94
CA LYS A 52 20.04 5.77 1.51
C LYS A 52 19.43 4.38 1.69
N LYS A 53 18.64 4.22 2.73
CA LYS A 53 17.97 2.95 2.99
C LYS A 53 16.88 2.70 1.96
N GLU A 54 16.19 3.76 1.58
CA GLU A 54 15.13 3.66 0.58
C GLU A 54 15.69 3.17 -0.75
N ILE A 55 16.86 3.68 -1.13
CA ILE A 55 17.47 3.31 -2.39
C ILE A 55 17.88 1.84 -2.37
N CYS A 56 18.52 1.43 -1.28
CA CYS A 56 18.94 0.04 -1.14
C CYS A 56 17.77 -0.93 -1.27
N ILE A 57 16.67 -0.60 -0.61
CA ILE A 57 15.50 -1.46 -0.67
C ILE A 57 14.89 -1.45 -2.06
N ASN A 58 14.86 -0.27 -2.69
CA ASN A 58 14.33 -0.16 -4.04
C ASN A 58 15.11 -1.03 -5.03
N LYS A 59 16.42 -1.15 -4.79
CA LYS A 59 17.27 -1.96 -5.65
C LYS A 59 16.96 -3.45 -5.53
N MET A 60 16.20 -3.81 -4.50
CA MET A 60 15.82 -5.21 -4.28
C MET A 60 14.53 -5.56 -5.02
N LEU A 61 13.83 -4.56 -5.51
CA LEU A 61 12.44 -4.76 -5.93
C LEU A 61 12.28 -4.96 -7.45
N ASN A 62 11.52 -5.97 -7.82
CA ASN A 62 11.18 -6.21 -9.21
C ASN A 62 9.87 -6.98 -9.31
N HIS A 63 8.75 -6.27 -9.33
CA HIS A 63 7.44 -6.89 -9.41
C HIS A 63 6.46 -5.95 -10.09
N GLU A 64 5.53 -6.50 -10.84
CA GLU A 64 4.60 -5.71 -11.64
C GLU A 64 3.62 -4.89 -10.81
N ASN A 65 3.50 -5.20 -9.52
CA ASN A 65 2.61 -4.44 -8.63
C ASN A 65 3.41 -3.64 -7.60
N VAL A 66 4.67 -3.38 -7.93
CA VAL A 66 5.53 -2.50 -7.14
C VAL A 66 6.20 -1.49 -8.08
N VAL A 67 6.14 -0.21 -7.71
CA VAL A 67 6.76 0.84 -8.52
C VAL A 67 8.21 0.50 -8.84
N LYS A 68 8.53 0.46 -10.13
CA LYS A 68 9.84 0.03 -10.60
C LYS A 68 10.90 1.06 -10.24
N PHE A 69 12.08 0.57 -9.88
CA PHE A 69 13.23 1.43 -9.63
C PHE A 69 14.22 1.28 -10.79
N TYR A 70 14.55 2.39 -11.43
CA TYR A 70 15.46 2.36 -12.58
C TYR A 70 16.89 2.63 -12.16
N GLY A 71 17.06 3.50 -11.16
CA GLY A 71 18.39 3.88 -10.72
C GLY A 71 18.36 5.25 -10.06
N HIS A 72 19.51 5.72 -9.59
CA HIS A 72 19.58 7.02 -8.94
C HIS A 72 20.85 7.78 -9.31
N ARG A 73 20.73 9.11 -9.37
CA ARG A 73 21.89 9.99 -9.54
C ARG A 73 22.24 10.63 -8.19
N ARG A 74 23.51 10.53 -7.80
CA ARG A 74 23.93 11.01 -6.49
C ARG A 74 23.95 12.54 -6.44
N GLU A 75 24.71 13.17 -7.34
CA GLU A 75 24.76 14.62 -7.42
C GLU A 75 25.04 15.24 -6.05
N ILE A 78 21.74 16.63 -3.22
CA ILE A 78 20.43 16.35 -3.87
C ILE A 78 20.42 14.96 -4.51
N GLN A 79 19.54 14.11 -4.00
CA GLN A 79 19.40 12.75 -4.52
C GLN A 79 18.30 12.67 -5.58
N TYR A 80 18.58 11.92 -6.65
CA TYR A 80 17.62 11.74 -7.72
C TYR A 80 17.22 10.27 -7.85
N LEU A 81 15.94 9.99 -7.66
CA LEU A 81 15.44 8.63 -7.79
C LEU A 81 14.60 8.50 -9.06
N PHE A 82 15.03 7.61 -9.96
CA PHE A 82 14.30 7.37 -11.19
C PHE A 82 13.31 6.22 -10.98
N LEU A 83 12.02 6.55 -11.01
CA LEU A 83 10.98 5.59 -10.64
C LEU A 83 9.94 5.45 -11.75
N GLU A 84 9.24 4.32 -11.72
CA GLU A 84 8.17 4.06 -12.69
C GLU A 84 7.09 5.13 -12.61
N TYR A 85 6.75 5.72 -13.75
CA TYR A 85 5.69 6.71 -13.80
C TYR A 85 4.33 6.03 -13.90
N CYS A 86 3.42 6.44 -13.02
CA CYS A 86 2.08 5.86 -12.99
C CYS A 86 1.04 6.93 -13.35
N SER A 87 0.57 6.90 -14.59
CA SER A 87 -0.22 8.00 -15.13
C SER A 87 -1.64 8.03 -14.61
N GLY A 88 -2.08 6.91 -14.02
CA GLY A 88 -3.41 6.84 -13.46
C GLY A 88 -3.56 7.53 -12.11
N GLY A 89 -2.43 7.93 -11.52
CA GLY A 89 -2.49 8.64 -10.26
C GLY A 89 -2.70 7.73 -9.06
N GLU A 90 -3.18 8.29 -7.96
CA GLU A 90 -3.31 7.56 -6.71
C GLU A 90 -4.65 6.85 -6.64
N LEU A 91 -4.65 5.65 -6.07
CA LEU A 91 -5.89 4.94 -5.80
C LEU A 91 -6.80 5.83 -4.96
N PHE A 92 -6.19 6.65 -4.11
CA PHE A 92 -6.92 7.54 -3.20
C PHE A 92 -7.99 8.31 -3.96
N ASP A 93 -7.65 8.79 -5.15
CA ASP A 93 -8.53 9.66 -5.92
C ASP A 93 -9.71 8.94 -6.57
N ARG A 94 -9.64 7.60 -6.63
CA ARG A 94 -10.69 6.81 -7.25
C ARG A 94 -11.82 6.50 -6.29
N ILE A 95 -11.64 6.85 -5.02
CA ILE A 95 -12.60 6.52 -3.99
C ILE A 95 -13.58 7.68 -3.78
N GLU A 96 -14.86 7.42 -4.01
CA GLU A 96 -15.86 8.47 -3.84
C GLU A 96 -16.30 8.56 -2.39
N PRO A 97 -16.29 9.78 -1.82
CA PRO A 97 -16.70 9.98 -0.43
C PRO A 97 -18.05 9.35 -0.13
N ASP A 98 -18.08 8.53 0.92
CA ASP A 98 -19.30 7.92 1.42
C ASP A 98 -19.85 6.82 0.53
N ILE A 99 -19.21 6.60 -0.62
CA ILE A 99 -19.67 5.59 -1.57
C ILE A 99 -18.61 4.50 -1.79
N GLY A 100 -17.39 4.93 -2.04
CA GLY A 100 -16.35 3.97 -2.36
C GLY A 100 -16.19 3.82 -3.86
N MET A 101 -16.31 2.59 -4.34
CA MET A 101 -16.23 2.30 -5.76
C MET A 101 -16.96 0.99 -6.00
N PRO A 102 -17.21 0.64 -7.27
CA PRO A 102 -17.89 -0.64 -7.53
C PRO A 102 -17.08 -1.81 -7.00
N GLU A 103 -17.77 -2.78 -6.40
CA GLU A 103 -17.13 -3.90 -5.74
C GLU A 103 -16.15 -4.67 -6.65
N PRO A 104 -16.49 -4.83 -7.94
CA PRO A 104 -15.58 -5.55 -8.83
C PRO A 104 -14.25 -4.81 -9.00
N ASP A 105 -14.32 -3.48 -9.07
CA ASP A 105 -13.11 -2.66 -9.17
C ASP A 105 -12.29 -2.78 -7.90
N ALA A 106 -12.96 -2.76 -6.75
CA ALA A 106 -12.28 -2.87 -5.46
C ALA A 106 -11.60 -4.23 -5.35
N GLN A 107 -12.28 -5.28 -5.80
CA GLN A 107 -11.72 -6.63 -5.69
C GLN A 107 -10.48 -6.76 -6.57
N ARG A 108 -10.54 -6.16 -7.75
CA ARG A 108 -9.41 -6.22 -8.66
C ARG A 108 -8.21 -5.49 -8.04
N PHE A 109 -8.45 -4.30 -7.49
CA PHE A 109 -7.38 -3.55 -6.83
C PHE A 109 -6.85 -4.33 -5.63
N PHE A 110 -7.75 -4.96 -4.87
CA PHE A 110 -7.32 -5.74 -3.73
C PHE A 110 -6.48 -6.96 -4.13
N HIS A 111 -6.85 -7.63 -5.22
CA HIS A 111 -6.04 -8.71 -5.76
C HIS A 111 -4.62 -8.27 -6.08
N GLN A 112 -4.50 -7.12 -6.73
CA GLN A 112 -3.18 -6.64 -7.15
C GLN A 112 -2.39 -6.13 -5.95
N LEU A 113 -3.08 -5.57 -4.97
CA LEU A 113 -2.44 -5.18 -3.72
C LEU A 113 -1.86 -6.41 -3.02
N MET A 114 -2.66 -7.46 -2.87
CA MET A 114 -2.18 -8.70 -2.27
C MET A 114 -0.98 -9.23 -3.04
N ALA A 115 -1.03 -9.18 -4.37
CA ALA A 115 0.08 -9.67 -5.18
C ALA A 115 1.38 -8.94 -4.84
N GLY A 116 1.28 -7.61 -4.72
CA GLY A 116 2.45 -6.82 -4.42
C GLY A 116 2.94 -7.05 -3.01
N VAL A 117 2.02 -7.21 -2.07
CA VAL A 117 2.42 -7.43 -0.67
C VAL A 117 3.03 -8.82 -0.48
N VAL A 118 2.44 -9.82 -1.12
CA VAL A 118 3.02 -11.18 -1.11
C VAL A 118 4.45 -11.13 -1.62
N TYR A 119 4.66 -10.36 -2.67
CA TYR A 119 6.00 -10.26 -3.24
C TYR A 119 7.00 -9.63 -2.26
N LEU A 120 6.62 -8.51 -1.65
CA LEU A 120 7.51 -7.83 -0.71
C LEU A 120 7.80 -8.71 0.51
N HIS A 121 6.77 -9.31 1.08
CA HIS A 121 6.97 -10.17 2.24
C HIS A 121 7.84 -11.37 1.86
N GLY A 122 7.71 -11.82 0.62
CA GLY A 122 8.52 -12.94 0.17
C GLY A 122 10.00 -12.64 0.12
N ILE A 123 10.36 -11.39 -0.17
CA ILE A 123 11.77 -11.01 -0.13
C ILE A 123 12.14 -10.33 1.19
N GLY A 124 11.25 -10.40 2.17
CA GLY A 124 11.59 -9.99 3.52
C GLY A 124 11.47 -8.50 3.78
N ILE A 125 10.72 -7.80 2.93
CA ILE A 125 10.54 -6.37 3.08
C ILE A 125 9.12 -6.06 3.55
N THR A 126 9.00 -5.17 4.53
CA THR A 126 7.68 -4.65 4.87
C THR A 126 7.59 -3.18 4.53
N HIS A 127 6.47 -2.77 3.92
CA HIS A 127 6.28 -1.41 3.45
C HIS A 127 6.01 -0.45 4.61
N ARG A 128 5.13 -0.87 5.53
CA ARG A 128 4.87 -0.19 6.80
C ARG A 128 3.98 1.05 6.71
N ASP A 129 3.54 1.40 5.52
CA ASP A 129 2.65 2.56 5.37
C ASP A 129 1.69 2.40 4.20
N ILE A 130 1.05 1.25 4.11
CA ILE A 130 0.11 1.00 3.02
C ILE A 130 -1.18 1.80 3.23
N LYS A 131 -1.54 2.56 2.20
CA LYS A 131 -2.74 3.39 2.22
C LYS A 131 -2.94 3.90 0.79
N PRO A 132 -4.16 4.39 0.47
CA PRO A 132 -4.48 4.69 -0.93
C PRO A 132 -3.60 5.75 -1.59
N GLU A 133 -3.03 6.66 -0.78
CA GLU A 133 -2.10 7.66 -1.29
C GLU A 133 -0.82 7.02 -1.83
N ASN A 134 -0.48 5.84 -1.31
CA ASN A 134 0.74 5.15 -1.67
C ASN A 134 0.52 3.99 -2.64
N LEU A 135 -0.69 3.88 -3.16
CA LEU A 135 -1.00 2.87 -4.17
C LEU A 135 -1.34 3.58 -5.46
N LEU A 136 -0.46 3.47 -6.44
CA LEU A 136 -0.58 4.23 -7.67
C LEU A 136 -1.11 3.35 -8.79
N LEU A 137 -1.59 3.97 -9.85
CA LEU A 137 -2.22 3.26 -10.96
C LEU A 137 -1.54 3.63 -12.28
N ASP A 138 -1.26 2.64 -13.11
CA ASP A 138 -0.65 2.90 -14.41
C ASP A 138 -1.74 3.23 -15.43
N GLU A 139 -1.37 3.28 -16.70
CA GLU A 139 -2.29 3.67 -17.76
C GLU A 139 -3.45 2.68 -17.90
N ARG A 140 -3.25 1.45 -17.43
CA ARG A 140 -4.28 0.43 -17.48
C ARG A 140 -4.93 0.21 -16.12
N ASP A 141 -4.67 1.13 -15.19
CA ASP A 141 -5.21 1.04 -13.84
C ASP A 141 -4.70 -0.19 -13.10
N ASN A 142 -3.52 -0.66 -13.47
CA ASN A 142 -2.83 -1.67 -12.68
C ASN A 142 -2.21 -1.00 -11.46
N LEU A 143 -2.32 -1.65 -10.31
CA LEU A 143 -1.90 -1.05 -9.05
C LEU A 143 -0.42 -1.31 -8.75
N LYS A 144 0.25 -0.29 -8.25
CA LYS A 144 1.68 -0.39 -7.92
C LYS A 144 1.90 0.21 -6.53
N ILE A 145 2.50 -0.57 -5.65
CA ILE A 145 2.84 -0.08 -4.33
C ILE A 145 4.00 0.92 -4.43
N SER A 146 3.85 2.06 -3.76
CA SER A 146 4.76 3.19 -3.94
C SER A 146 5.34 3.71 -2.62
N ASP A 147 6.55 4.27 -2.70
CA ASP A 147 7.18 4.99 -1.60
C ASP A 147 7.67 4.08 -0.47
N PHE A 148 8.95 3.72 -0.55
CA PHE A 148 9.53 2.81 0.42
C PHE A 148 10.40 3.53 1.44
N GLY A 149 10.03 4.79 1.70
CA GLY A 149 10.78 5.60 2.64
C GLY A 149 10.64 5.13 4.07
N LEU A 150 9.61 4.34 4.36
CA LEU A 150 9.42 3.80 5.70
C LEU A 150 9.63 2.29 5.74
N ALA A 151 9.93 1.71 4.58
CA ALA A 151 10.08 0.26 4.47
C ALA A 151 11.31 -0.22 5.21
N THR A 152 11.30 -1.48 5.65
CA THR A 152 12.45 -2.05 6.33
C THR A 152 12.48 -3.56 6.14
N VAL A 153 13.64 -4.16 6.41
CA VAL A 153 13.79 -5.61 6.34
C VAL A 153 13.24 -6.26 7.59
N PHE A 154 12.35 -7.23 7.43
CA PHE A 154 11.84 -7.98 8.58
C PHE A 154 12.27 -9.44 8.54
N ARG A 155 12.82 -9.86 7.41
CA ARG A 155 13.39 -11.21 7.33
C ARG A 155 14.69 -11.17 6.55
N TYR A 156 15.72 -11.78 7.11
CA TYR A 156 17.03 -11.81 6.45
C TYR A 156 17.73 -13.12 6.79
N ASN A 157 18.36 -13.73 5.80
CA ASN A 157 18.96 -15.05 5.99
C ASN A 157 17.97 -16.00 6.67
N ASN A 158 16.70 -15.86 6.27
CA ASN A 158 15.63 -16.75 6.72
C ASN A 158 15.31 -16.63 8.21
N ARG A 159 15.78 -15.56 8.83
CA ARG A 159 15.45 -15.28 10.23
C ARG A 159 14.60 -14.03 10.32
N GLU A 160 13.46 -14.12 11.00
CA GLU A 160 12.57 -12.98 11.16
C GLU A 160 13.07 -12.03 12.26
N ARG A 161 13.01 -10.74 11.97
CA ARG A 161 13.28 -9.71 12.97
C ARG A 161 11.95 -9.08 13.38
N LEU A 162 11.71 -8.98 14.67
CA LEU A 162 10.50 -8.31 15.16
C LEU A 162 10.68 -6.80 15.07
N LEU A 163 9.59 -6.08 14.80
CA LEU A 163 9.65 -4.63 14.70
C LEU A 163 9.33 -3.96 16.03
N ASN A 164 9.78 -2.73 16.20
CA ASN A 164 9.39 -1.95 17.38
C ASN A 164 9.19 -0.46 17.09
N LYS A 165 9.65 0.00 15.93
CA LYS A 165 9.50 1.40 15.57
C LYS A 165 8.02 1.72 15.28
N MET A 166 7.46 2.68 16.00
CA MET A 166 6.12 3.14 15.69
C MET A 166 6.17 3.99 14.43
N CYS A 167 5.46 3.56 13.40
CA CYS A 167 5.36 4.34 12.17
C CYS A 167 4.15 3.92 11.36
N GLY A 168 3.88 4.67 10.29
CA GLY A 168 2.69 4.41 9.50
C GLY A 168 1.76 5.61 9.55
N THR A 169 0.47 5.36 9.42
CA THR A 169 -0.54 6.42 9.37
C THR A 169 -1.75 5.95 10.19
N LEU A 170 -2.12 6.73 11.19
CA LEU A 170 -2.96 6.27 12.29
C LEU A 170 -4.23 5.50 11.89
N PRO A 171 -5.02 6.03 10.94
CA PRO A 171 -6.24 5.31 10.57
C PRO A 171 -5.97 3.92 9.98
N TYR A 172 -4.77 3.72 9.43
CA TYR A 172 -4.42 2.46 8.77
C TYR A 172 -3.56 1.54 9.63
N VAL A 173 -3.12 2.02 10.79
CA VAL A 173 -2.12 1.29 11.55
C VAL A 173 -2.77 0.21 12.43
N ALA A 174 -2.08 -0.90 12.60
CA ALA A 174 -2.62 -2.03 13.36
C ALA A 174 -2.56 -1.75 14.87
N PRO A 175 -3.50 -2.31 15.63
CA PRO A 175 -3.60 -2.01 17.06
C PRO A 175 -2.36 -2.39 17.88
N GLU A 176 -1.65 -3.43 17.46
CA GLU A 176 -0.52 -3.91 18.23
C GLU A 176 0.61 -2.87 18.25
N LEU A 177 0.68 -2.05 17.20
CA LEU A 177 1.69 -1.01 17.14
C LEU A 177 1.47 0.01 18.26
N LEU A 178 0.21 0.22 18.64
CA LEU A 178 -0.13 1.19 19.68
C LEU A 178 -0.06 0.57 21.07
N LYS A 179 0.04 -0.75 21.15
CA LYS A 179 -0.18 -1.44 22.41
C LYS A 179 1.05 -2.20 22.89
N ARG A 180 1.86 -2.69 21.96
CA ARG A 180 2.94 -3.62 22.29
C ARG A 180 4.31 -3.03 21.95
N ARG A 181 5.33 -3.46 22.69
CA ARG A 181 6.69 -2.99 22.44
C ARG A 181 7.23 -3.51 21.12
N GLU A 182 7.01 -4.80 20.86
CA GLU A 182 7.43 -5.42 19.61
C GLU A 182 6.27 -6.14 18.94
N PHE A 183 6.39 -6.34 17.63
CA PHE A 183 5.31 -6.97 16.87
C PHE A 183 5.86 -7.52 15.56
N HIS A 184 5.19 -8.54 15.04
CA HIS A 184 5.51 -9.12 13.75
C HIS A 184 5.14 -8.17 12.61
N ALA A 185 5.99 -8.10 11.59
CA ALA A 185 5.77 -7.15 10.50
C ALA A 185 4.58 -7.49 9.61
N GLU A 186 4.43 -8.77 9.27
CA GLU A 186 3.46 -9.14 8.24
C GLU A 186 2.01 -8.86 8.63
N PRO A 187 1.61 -9.19 9.86
CA PRO A 187 0.22 -8.86 10.23
C PRO A 187 -0.10 -7.37 10.19
N VAL A 188 0.91 -6.52 10.38
CA VAL A 188 0.67 -5.08 10.34
C VAL A 188 0.30 -4.64 8.91
N ASP A 189 1.03 -5.14 7.92
CA ASP A 189 0.70 -4.85 6.53
C ASP A 189 -0.66 -5.43 6.14
N VAL A 190 -0.99 -6.62 6.65
CA VAL A 190 -2.29 -7.21 6.34
C VAL A 190 -3.42 -6.31 6.84
N TRP A 191 -3.25 -5.78 8.04
CA TRP A 191 -4.26 -4.91 8.65
C TRP A 191 -4.49 -3.67 7.80
N SER A 192 -3.42 -3.00 7.41
CA SER A 192 -3.57 -1.78 6.63
C SER A 192 -4.26 -2.07 5.28
N CYS A 193 -3.98 -3.24 4.70
CA CYS A 193 -4.67 -3.64 3.47
C CYS A 193 -6.16 -3.80 3.74
N GLY A 194 -6.51 -4.26 4.93
CA GLY A 194 -7.91 -4.36 5.31
C GLY A 194 -8.58 -3.00 5.41
N ILE A 195 -7.87 -2.01 5.94
CA ILE A 195 -8.43 -0.67 6.05
C ILE A 195 -8.58 -0.07 4.65
N VAL A 196 -7.60 -0.32 3.78
CA VAL A 196 -7.72 0.10 2.40
C VAL A 196 -8.96 -0.51 1.74
N LEU A 197 -9.18 -1.80 1.99
CA LEU A 197 -10.34 -2.48 1.42
C LEU A 197 -11.63 -1.82 1.91
N THR A 198 -11.67 -1.52 3.21
CA THR A 198 -12.84 -0.84 3.79
C THR A 198 -13.10 0.49 3.10
N ALA A 199 -12.04 1.28 2.92
CA ALA A 199 -12.14 2.57 2.24
C ALA A 199 -12.69 2.40 0.83
N MET A 200 -12.22 1.38 0.12
CA MET A 200 -12.66 1.18 -1.26
C MET A 200 -14.13 0.81 -1.34
N LEU A 201 -14.63 0.10 -0.33
CA LEU A 201 -16.02 -0.38 -0.35
C LEU A 201 -17.02 0.53 0.35
N ALA A 202 -16.53 1.49 1.13
CA ALA A 202 -17.45 2.31 1.93
C ALA A 202 -17.25 3.80 1.70
N GLY A 203 -16.10 4.18 1.16
CA GLY A 203 -15.83 5.58 0.94
C GLY A 203 -15.67 6.34 2.25
N GLU A 204 -15.44 5.61 3.33
CA GLU A 204 -15.06 6.24 4.60
C GLU A 204 -14.11 5.33 5.37
N LEU A 205 -13.27 5.94 6.19
CA LEU A 205 -12.37 5.18 7.05
C LEU A 205 -13.10 4.91 8.36
N PRO A 206 -12.93 3.69 8.91
CA PRO A 206 -13.72 3.20 10.05
C PRO A 206 -13.47 3.90 11.39
N TRP A 207 -12.22 4.29 11.63
CA TRP A 207 -11.87 4.93 12.90
C TRP A 207 -10.64 5.82 12.80
N ASP A 208 -10.52 6.77 13.72
CA ASP A 208 -9.34 7.63 13.77
C ASP A 208 -8.09 6.80 14.08
N GLN A 209 -8.25 5.78 14.91
CA GLN A 209 -7.17 4.87 15.26
C GLN A 209 -7.74 3.69 16.03
N PRO A 210 -7.08 2.52 15.96
CA PRO A 210 -7.60 1.31 16.61
C PRO A 210 -7.23 1.25 18.10
N SER A 211 -7.81 2.16 18.89
CA SER A 211 -7.54 2.21 20.32
C SER A 211 -8.82 1.97 21.10
N ASP A 212 -8.67 1.45 22.32
CA ASP A 212 -9.83 1.16 23.16
C ASP A 212 -10.60 2.43 23.54
N SER A 213 -9.96 3.58 23.33
CA SER A 213 -10.61 4.86 23.61
C SER A 213 -11.39 5.38 22.40
N CYS A 214 -11.17 4.78 21.24
CA CYS A 214 -11.87 5.18 20.03
C CYS A 214 -13.19 4.44 19.90
N GLN A 215 -14.29 5.19 20.01
CA GLN A 215 -15.62 4.59 20.07
C GLN A 215 -15.91 3.72 18.84
N GLU A 216 -15.52 4.21 17.66
CA GLU A 216 -15.81 3.49 16.42
C GLU A 216 -15.10 2.14 16.42
N TYR A 217 -13.89 2.10 16.96
CA TYR A 217 -13.16 0.83 17.03
C TYR A 217 -13.80 -0.11 18.04
N SER A 218 -14.29 0.44 19.15
CA SER A 218 -14.97 -0.36 20.15
C SER A 218 -16.25 -0.97 19.58
N ASP A 219 -16.96 -0.19 18.77
CA ASP A 219 -18.18 -0.66 18.13
C ASP A 219 -17.90 -1.85 17.22
N TRP A 220 -16.77 -1.80 16.52
CA TRP A 220 -16.38 -2.89 15.62
C TRP A 220 -16.09 -4.18 16.38
N LYS A 221 -15.34 -4.07 17.47
CA LYS A 221 -15.00 -5.24 18.26
C LYS A 221 -16.25 -5.84 18.89
N GLU A 222 -17.29 -5.02 19.04
CA GLU A 222 -18.57 -5.48 19.55
C GLU A 222 -19.50 -5.90 18.43
N LYS A 223 -18.96 -5.98 17.21
CA LYS A 223 -19.67 -6.54 16.08
C LYS A 223 -20.96 -5.79 15.72
N LYS A 224 -20.99 -4.49 16.00
CA LYS A 224 -22.13 -3.68 15.63
C LYS A 224 -22.04 -3.28 14.16
N THR A 225 -22.22 -4.26 13.29
CA THR A 225 -22.04 -4.05 11.85
C THR A 225 -23.30 -3.51 11.17
N TYR A 226 -24.29 -3.13 11.98
CA TYR A 226 -25.45 -2.42 11.47
C TYR A 226 -25.14 -0.93 11.37
N LEU A 227 -24.00 -0.53 11.86
CA LEU A 227 -23.59 0.75 11.70
C LEU A 227 -22.63 0.99 10.46
N ASN A 228 -22.39 2.22 10.06
CA ASN A 228 -21.42 2.53 9.00
C ASN A 228 -20.03 2.47 9.61
N PRO A 229 -19.02 2.12 8.80
CA PRO A 229 -19.12 1.86 7.36
C PRO A 229 -19.65 0.48 7.00
N TRP A 230 -19.78 -0.39 8.01
CA TRP A 230 -19.95 -1.82 7.78
C TRP A 230 -21.26 -2.17 7.07
N LYS A 231 -22.31 -1.39 7.32
CA LYS A 231 -23.61 -1.71 6.73
C LYS A 231 -23.65 -1.40 5.23
N LYS A 232 -22.65 -0.65 4.74
CA LYS A 232 -22.55 -0.35 3.32
C LYS A 232 -21.82 -1.46 2.55
N ILE A 233 -21.28 -2.42 3.30
CA ILE A 233 -20.45 -3.46 2.70
C ILE A 233 -21.20 -4.78 2.64
N ASP A 234 -21.21 -5.41 1.48
CA ASP A 234 -21.91 -6.68 1.32
C ASP A 234 -21.35 -7.73 2.26
N SER A 235 -22.17 -8.73 2.55
CA SER A 235 -21.82 -9.74 3.55
C SER A 235 -20.54 -10.51 3.21
N ALA A 236 -20.30 -10.74 1.92
CA ALA A 236 -19.14 -11.52 1.50
C ALA A 236 -17.83 -10.80 1.80
N PRO A 237 -17.65 -9.55 1.30
CA PRO A 237 -16.42 -8.84 1.68
C PRO A 237 -16.37 -8.48 3.17
N LEU A 238 -17.52 -8.24 3.78
CA LEU A 238 -17.56 -7.95 5.21
C LEU A 238 -16.99 -9.12 6.01
N ALA A 239 -17.27 -10.35 5.56
CA ALA A 239 -16.78 -11.54 6.23
C ALA A 239 -15.25 -11.62 6.16
N LEU A 240 -14.68 -11.18 5.04
CA LEU A 240 -13.22 -11.13 4.94
C LEU A 240 -12.67 -10.08 5.90
N LEU A 241 -13.32 -8.92 5.96
CA LEU A 241 -12.87 -7.86 6.85
C LEU A 241 -12.94 -8.28 8.32
N HIS A 242 -13.92 -9.11 8.66
CA HIS A 242 -14.00 -9.67 10.01
C HIS A 242 -12.79 -10.55 10.34
N LYS A 243 -12.15 -11.10 9.32
CA LYS A 243 -10.98 -11.96 9.53
C LYS A 243 -9.66 -11.18 9.46
N ILE A 244 -9.67 -10.05 8.77
CA ILE A 244 -8.49 -9.19 8.68
C ILE A 244 -8.35 -8.21 9.85
N LEU A 245 -9.44 -7.52 10.18
CA LEU A 245 -9.37 -6.50 11.23
C LEU A 245 -9.61 -7.13 12.60
N VAL A 246 -8.76 -8.11 12.91
CA VAL A 246 -8.79 -8.83 14.16
C VAL A 246 -7.71 -8.25 15.06
N GLU A 247 -8.07 -7.92 16.30
CA GLU A 247 -7.17 -7.18 17.18
C GLU A 247 -5.89 -7.95 17.47
N ASN A 248 -6.03 -9.23 17.78
CA ASN A 248 -4.87 -10.06 18.09
C ASN A 248 -4.14 -10.45 16.82
N PRO A 249 -2.93 -9.92 16.60
CA PRO A 249 -2.22 -10.17 15.35
C PRO A 249 -1.91 -11.65 15.12
N SER A 250 -1.82 -12.42 16.21
CA SER A 250 -1.55 -13.84 16.10
C SER A 250 -2.77 -14.63 15.63
N ALA A 251 -3.95 -14.03 15.78
CA ALA A 251 -5.19 -14.68 15.38
C ALA A 251 -5.67 -14.12 14.04
N ARG A 252 -5.06 -13.02 13.61
CA ARG A 252 -5.45 -12.36 12.37
C ARG A 252 -5.16 -13.24 11.16
N ILE A 253 -6.02 -13.18 10.15
CA ILE A 253 -5.86 -14.01 8.96
C ILE A 253 -4.56 -13.66 8.24
N THR A 254 -3.88 -14.69 7.73
CA THR A 254 -2.67 -14.49 6.94
C THR A 254 -3.01 -14.43 5.46
N ILE A 255 -2.07 -14.00 4.65
CA ILE A 255 -2.36 -13.88 3.22
C ILE A 255 -2.65 -15.21 2.54
N PRO A 256 -1.94 -16.29 2.92
CA PRO A 256 -2.31 -17.56 2.30
C PRO A 256 -3.78 -17.91 2.50
N ASP A 257 -4.32 -17.54 3.66
CA ASP A 257 -5.72 -17.79 3.96
C ASP A 257 -6.66 -16.74 3.38
N ILE A 258 -6.17 -15.53 3.17
CA ILE A 258 -6.94 -14.56 2.40
C ILE A 258 -7.18 -15.10 0.99
N LYS A 259 -6.16 -15.77 0.44
CA LYS A 259 -6.30 -16.36 -0.90
C LYS A 259 -7.36 -17.45 -0.95
N LYS A 260 -7.80 -17.92 0.21
CA LYS A 260 -8.81 -18.98 0.29
C LYS A 260 -10.19 -18.43 0.62
N ASP A 261 -10.28 -17.12 0.80
CA ASP A 261 -11.52 -16.49 1.27
C ASP A 261 -12.59 -16.48 0.19
N ARG A 262 -13.84 -16.59 0.60
CA ARG A 262 -14.94 -16.71 -0.35
C ARG A 262 -15.05 -15.48 -1.26
N TRP A 263 -15.05 -14.28 -0.67
CA TRP A 263 -15.16 -13.09 -1.49
C TRP A 263 -13.93 -12.90 -2.38
N TYR A 264 -12.75 -13.17 -1.84
CA TYR A 264 -11.52 -13.03 -2.60
C TYR A 264 -11.58 -13.82 -3.90
N ASN A 265 -12.29 -14.96 -3.88
CA ASN A 265 -12.36 -15.82 -5.06
C ASN A 265 -13.67 -15.70 -5.83
N LYS A 266 -14.50 -14.73 -5.48
CA LYS A 266 -15.80 -14.56 -6.11
C LYS A 266 -15.67 -13.89 -7.48
N PRO A 267 -16.20 -14.53 -8.53
CA PRO A 267 -16.16 -13.89 -9.85
C PRO A 267 -17.05 -12.65 -9.85
N LEU A 268 -16.48 -11.50 -10.21
CA LEU A 268 -17.21 -10.25 -10.15
C LEU A 268 -16.97 -9.36 -11.36
N LYS A 269 -15.73 -9.29 -11.80
CA LYS A 269 -15.36 -8.30 -12.80
C LYS A 269 -14.97 -8.90 -14.15
N LYS A 270 -15.61 -8.40 -15.20
CA LYS A 270 -15.25 -8.77 -16.56
C LYS A 270 -13.85 -8.23 -16.87
N GLY A 271 -13.18 -8.85 -17.83
CA GLY A 271 -11.85 -8.39 -18.19
C GLY A 271 -11.89 -7.03 -18.88
C AGX B . -14.76 9.86 -7.31
N AGX B . -12.85 10.92 -5.99
O AGX B . -11.03 11.63 -3.55
CL AGX B . -9.17 6.95 1.53
C1 AGX B . -16.15 10.02 -7.64
N1 AGX B . -14.04 12.66 -5.16
O1 AGX B . -12.68 11.84 -2.07
CL1 AGX B . -12.15 6.89 2.87
C2 AGX B . -16.91 11.12 -7.12
N2 AGX B . -10.82 10.44 -1.78
C3 AGX B . -16.27 12.08 -6.26
C4 AGX B . -14.15 10.83 -6.45
C5 AGX B . -14.88 11.91 -5.94
C6 AGX B . -12.85 12.04 -5.22
C7 AGX B . -11.65 12.60 -4.46
C8 AGX B . -11.62 11.30 -2.38
C9 AGX B . -11.23 9.65 -0.70
C10 AGX B . -12.53 9.61 -0.11
C11 AGX B . -12.80 8.75 1.00
C12 AGX B . -11.78 7.92 1.52
C13 AGX B . -10.46 7.94 0.92
C14 AGX B . -10.20 8.80 -0.18
C15 AGX B . -10.43 12.86 -5.24
#